data_2JZO
#
_entry.id   2JZO
#
loop_
_entity.id
_entity.type
_entity.pdbx_description
1 polymer 'PTS system mannose-specific EIIAB component'
2 polymer 'PTS system mannose-specific EIIAB component'
#
loop_
_entity_poly.entity_id
_entity_poly.type
_entity_poly.pdbx_seq_one_letter_code
_entity_poly.pdbx_strand_id
1 'polypeptide(L)'
;TIAIVIGTHGWAAEQLLKTAEMLLGEQENVGWIDFVPGENAETLIEKYNAQLAKLDTTKGVLFLVDTWGGSPFNAASRIV
VDKEHYEVIAGVNIPMLVETLMARDDDPSFDELVALAVETGREGVKALKAKPV
;
A,B
2 'polypeptide(L)'
;NDYMVIGLARIDDRLIHGQVATRWTKETNVSRIIVVSDEVAADTVRKTLLTQVAPPGVTAHVVDVAKMIRVYNNPKYAGE
RVMLLFTNPTDVERLVEGGVKITSVNVGGMAFRQGKTQVNNAVSVDEKDIEAFKKLNARGIELEVRKVSTDPKLKMMDLI
SKIDK
;
D
#
# COMPACT_ATOMS: atom_id res chain seq x y z
N THR A 1 -23.26 0.05 6.75
CA THR A 1 -21.96 0.50 7.37
C THR A 1 -22.04 1.95 7.79
N ILE A 2 -20.98 2.41 8.45
CA ILE A 2 -20.91 3.80 8.88
C ILE A 2 -20.71 4.61 7.61
N ALA A 3 -21.43 5.72 7.53
CA ALA A 3 -21.36 6.57 6.36
C ALA A 3 -20.11 7.43 6.41
N ILE A 4 -19.54 7.68 5.23
CA ILE A 4 -18.35 8.54 5.08
C ILE A 4 -18.67 9.61 4.03
N VAL A 5 -18.38 10.85 4.36
CA VAL A 5 -18.59 11.97 3.43
C VAL A 5 -17.25 12.68 3.33
N ILE A 6 -16.79 12.91 2.11
CA ILE A 6 -15.49 13.58 1.92
C ILE A 6 -15.73 14.98 1.39
N GLY A 7 -15.06 15.96 1.98
CA GLY A 7 -15.21 17.34 1.49
C GLY A 7 -13.86 18.06 1.46
N THR A 8 -13.56 18.76 0.37
CA THR A 8 -12.30 19.53 0.29
C THR A 8 -12.62 20.83 -0.46
N HIS A 9 -11.71 21.79 -0.39
CA HIS A 9 -11.88 23.01 -1.18
C HIS A 9 -11.68 22.50 -2.62
N GLY A 10 -12.29 23.15 -3.59
CA GLY A 10 -12.07 22.68 -4.94
C GLY A 10 -12.81 21.37 -5.27
N TRP A 11 -12.18 20.58 -6.13
CA TRP A 11 -12.77 19.34 -6.66
C TRP A 11 -11.96 18.09 -6.36
N ALA A 12 -11.18 18.09 -5.31
CA ALA A 12 -10.35 16.94 -5.01
C ALA A 12 -11.08 15.76 -4.34
N ALA A 13 -12.16 16.02 -3.60
CA ALA A 13 -12.85 14.92 -2.88
C ALA A 13 -13.24 13.77 -3.80
N GLU A 14 -13.84 14.10 -4.94
CA GLU A 14 -14.26 13.05 -5.88
C GLU A 14 -13.07 12.20 -6.33
N GLN A 15 -11.93 12.86 -6.58
CA GLN A 15 -10.71 12.13 -7.03
C GLN A 15 -10.07 11.28 -5.91
N LEU A 16 -10.13 11.75 -4.67
CA LEU A 16 -9.56 10.97 -3.55
C LEU A 16 -10.40 9.67 -3.44
N LEU A 17 -11.71 9.78 -3.63
CA LEU A 17 -12.59 8.61 -3.58
C LEU A 17 -12.24 7.69 -4.76
N LYS A 18 -12.05 8.27 -5.95
CA LYS A 18 -11.74 7.47 -7.16
C LYS A 18 -10.45 6.72 -6.99
N THR A 19 -9.48 7.38 -6.36
CA THR A 19 -8.19 6.77 -6.11
C THR A 19 -8.38 5.59 -5.17
N ALA A 20 -9.14 5.81 -4.10
CA ALA A 20 -9.40 4.74 -3.14
C ALA A 20 -10.08 3.53 -3.85
N GLU A 21 -11.06 3.81 -4.69
CA GLU A 21 -11.78 2.75 -5.39
C GLU A 21 -10.87 2.07 -6.40
N MET A 22 -9.81 2.74 -6.85
CA MET A 22 -8.91 2.10 -7.79
C MET A 22 -8.15 1.04 -6.98
N LEU A 23 -7.93 1.32 -5.71
CA LEU A 23 -7.21 0.38 -4.83
C LEU A 23 -8.11 -0.71 -4.24
N LEU A 24 -9.31 -0.32 -3.87
CA LEU A 24 -10.23 -1.23 -3.18
C LEU A 24 -11.46 -1.74 -3.95
N GLY A 25 -11.78 -1.15 -5.09
CA GLY A 25 -13.00 -1.52 -5.81
C GLY A 25 -14.04 -0.45 -5.43
N GLU A 26 -15.14 -0.38 -6.16
CA GLU A 26 -16.18 0.62 -5.87
C GLU A 26 -16.75 0.46 -4.48
N GLN A 27 -16.94 1.61 -3.86
CA GLN A 27 -17.44 1.69 -2.49
C GLN A 27 -18.89 2.14 -2.42
N GLU A 28 -19.56 1.61 -1.42
CA GLU A 28 -20.95 1.93 -1.13
C GLU A 28 -20.97 2.83 0.11
N ASN A 29 -22.05 3.56 0.25
CA ASN A 29 -22.29 4.41 1.42
C ASN A 29 -21.21 5.45 1.63
N VAL A 30 -20.76 6.06 0.54
CA VAL A 30 -19.76 7.14 0.58
C VAL A 30 -20.28 8.31 -0.26
N GLY A 31 -20.17 9.53 0.25
CA GLY A 31 -20.62 10.74 -0.47
C GLY A 31 -19.49 11.75 -0.52
N TRP A 32 -19.63 12.78 -1.33
CA TRP A 32 -18.58 13.81 -1.41
C TRP A 32 -19.19 15.08 -1.89
N ILE A 33 -18.50 16.19 -1.60
CA ILE A 33 -18.96 17.51 -2.04
C ILE A 33 -17.76 18.33 -2.56
N ASP A 34 -18.06 19.35 -3.34
CA ASP A 34 -17.01 20.26 -3.79
C ASP A 34 -17.28 21.64 -3.20
N PHE A 35 -16.27 22.49 -3.21
CA PHE A 35 -16.41 23.82 -2.67
C PHE A 35 -15.77 24.77 -3.69
N VAL A 36 -16.62 25.62 -4.23
CA VAL A 36 -16.23 26.57 -5.28
C VAL A 36 -16.17 28.00 -4.72
N PRO A 37 -15.25 28.83 -5.22
CA PRO A 37 -15.16 30.22 -4.74
C PRO A 37 -16.50 30.89 -4.97
N GLY A 38 -16.98 31.62 -3.96
CA GLY A 38 -18.28 32.27 -4.04
C GLY A 38 -19.25 31.58 -3.08
N GLU A 39 -18.99 30.32 -2.77
CA GLU A 39 -19.88 29.60 -1.84
C GLU A 39 -19.44 29.90 -0.40
N ASN A 40 -20.36 29.70 0.53
CA ASN A 40 -20.09 29.93 1.95
C ASN A 40 -20.45 28.66 2.71
N ALA A 41 -20.26 28.65 4.03
CA ALA A 41 -20.55 27.45 4.82
C ALA A 41 -22.00 27.02 4.73
N GLU A 42 -22.91 27.96 4.61
CA GLU A 42 -24.34 27.62 4.53
C GLU A 42 -24.66 26.85 3.25
N THR A 43 -23.99 27.21 2.17
CA THR A 43 -24.14 26.48 0.89
C THR A 43 -23.65 25.07 1.14
N LEU A 44 -22.47 24.96 1.78
CA LEU A 44 -21.90 23.65 2.02
C LEU A 44 -22.75 22.79 2.94
N ILE A 45 -23.39 23.39 3.93
CA ILE A 45 -24.25 22.60 4.83
C ILE A 45 -25.35 21.96 4.00
N GLU A 46 -25.92 22.71 3.06
CA GLU A 46 -26.97 22.15 2.21
C GLU A 46 -26.41 21.03 1.36
N LYS A 47 -25.21 21.22 0.82
CA LYS A 47 -24.62 20.17 0.00
C LYS A 47 -24.39 18.89 0.82
N TYR A 48 -23.88 19.05 2.05
CA TYR A 48 -23.64 17.89 2.90
C TYR A 48 -24.99 17.20 3.19
N ASN A 49 -26.02 17.99 3.54
CA ASN A 49 -27.33 17.40 3.85
C ASN A 49 -27.92 16.64 2.68
N ALA A 50 -27.76 17.15 1.48
CA ALA A 50 -28.28 16.46 0.29
C ALA A 50 -27.54 15.13 0.11
N GLN A 51 -26.26 15.11 0.44
CA GLN A 51 -25.50 13.86 0.30
C GLN A 51 -25.97 12.86 1.41
N LEU A 52 -26.13 13.36 2.62
CA LEU A 52 -26.56 12.50 3.76
C LEU A 52 -27.92 11.86 3.51
N ALA A 53 -28.83 12.59 2.88
CA ALA A 53 -30.17 12.04 2.58
C ALA A 53 -30.08 10.72 1.78
N LYS A 54 -29.00 10.55 1.06
CA LYS A 54 -28.80 9.35 0.23
C LYS A 54 -27.97 8.29 0.93
N LEU A 55 -27.48 8.60 2.11
CA LEU A 55 -26.62 7.64 2.83
C LEU A 55 -27.34 6.99 4.00
N ASP A 56 -26.81 5.82 4.41
CA ASP A 56 -27.33 5.11 5.58
C ASP A 56 -26.50 5.67 6.70
N THR A 57 -27.13 6.50 7.51
CA THR A 57 -26.46 7.17 8.62
C THR A 57 -26.88 6.55 9.95
N THR A 58 -27.48 5.38 9.92
CA THR A 58 -27.94 4.78 11.19
C THR A 58 -26.84 4.43 12.18
N LYS A 59 -25.68 4.04 11.69
CA LYS A 59 -24.55 3.67 12.57
C LYS A 59 -23.63 4.88 12.81
N GLY A 60 -23.86 5.96 12.10
CA GLY A 60 -23.02 7.14 12.30
C GLY A 60 -22.50 7.72 11.00
N VAL A 61 -21.86 8.89 11.11
CA VAL A 61 -21.31 9.60 9.94
C VAL A 61 -19.95 10.18 10.31
N LEU A 62 -18.99 9.91 9.44
CA LEU A 62 -17.63 10.42 9.56
C LEU A 62 -17.35 11.34 8.36
N PHE A 63 -17.15 12.62 8.65
CA PHE A 63 -16.83 13.61 7.62
C PHE A 63 -15.29 13.66 7.57
N LEU A 64 -14.71 13.40 6.41
CA LEU A 64 -13.25 13.44 6.24
C LEU A 64 -13.00 14.66 5.38
N VAL A 65 -12.34 15.65 5.94
CA VAL A 65 -12.10 16.92 5.23
C VAL A 65 -10.63 17.24 5.04
N ASP A 66 -10.35 18.17 4.13
CA ASP A 66 -8.96 18.50 3.82
C ASP A 66 -8.12 19.15 4.95
N THR A 67 -8.59 20.25 5.52
CA THR A 67 -7.81 20.96 6.55
C THR A 67 -8.67 21.49 7.66
N TRP A 68 -8.05 21.58 8.81
CA TRP A 68 -8.71 22.10 9.99
C TRP A 68 -9.01 23.58 9.74
N GLY A 69 -10.23 24.01 10.07
CA GLY A 69 -10.56 25.43 9.92
C GLY A 69 -11.03 25.98 8.58
N GLY A 70 -11.00 25.20 7.51
CA GLY A 70 -11.48 25.70 6.22
C GLY A 70 -13.02 25.63 6.19
N SER A 71 -13.62 26.15 5.13
CA SER A 71 -15.08 26.12 5.02
C SER A 71 -15.62 24.69 5.07
N PRO A 72 -15.02 23.74 4.31
CA PRO A 72 -15.53 22.37 4.37
C PRO A 72 -15.57 21.87 5.83
N PHE A 73 -14.52 22.18 6.59
CA PHE A 73 -14.41 21.80 8.00
C PHE A 73 -15.47 22.52 8.80
N ASN A 74 -15.57 23.84 8.62
CA ASN A 74 -16.55 24.64 9.40
C ASN A 74 -17.99 24.21 9.18
N ALA A 75 -18.35 23.93 7.96
CA ALA A 75 -19.72 23.50 7.70
C ALA A 75 -19.99 22.11 8.33
N ALA A 76 -19.05 21.18 8.20
CA ALA A 76 -19.21 19.84 8.74
C ALA A 76 -19.31 19.95 10.26
N SER A 77 -18.54 20.85 10.85
CA SER A 77 -18.57 21.07 12.32
C SER A 77 -19.94 21.48 12.81
N ARG A 78 -20.63 22.30 12.03
CA ARG A 78 -21.98 22.75 12.42
C ARG A 78 -23.00 21.61 12.39
N ILE A 79 -22.79 20.63 11.52
CA ILE A 79 -23.70 19.48 11.41
C ILE A 79 -23.48 18.48 12.54
N VAL A 80 -22.23 18.17 12.87
CA VAL A 80 -22.00 17.15 13.88
C VAL A 80 -22.17 17.58 15.30
N VAL A 81 -22.18 18.90 15.56
CA VAL A 81 -22.28 19.50 16.93
C VAL A 81 -23.01 18.77 18.07
N ASP A 82 -24.27 18.40 17.91
CA ASP A 82 -24.89 17.69 19.04
C ASP A 82 -25.46 16.40 18.55
N LYS A 83 -24.72 15.77 17.66
CA LYS A 83 -25.16 14.52 17.10
C LYS A 83 -24.24 13.42 17.57
N GLU A 84 -24.85 12.32 17.99
CA GLU A 84 -24.13 11.14 18.46
C GLU A 84 -23.67 10.41 17.23
N HIS A 85 -22.47 9.87 17.31
CA HIS A 85 -21.89 9.14 16.21
C HIS A 85 -21.68 9.96 14.94
N TYR A 86 -21.33 11.22 15.13
CA TYR A 86 -20.99 12.13 14.02
C TYR A 86 -19.64 12.74 14.40
N GLU A 87 -18.69 12.70 13.47
CA GLU A 87 -17.38 13.26 13.75
C GLU A 87 -16.79 13.87 12.49
N VAL A 88 -15.87 14.81 12.69
CA VAL A 88 -15.17 15.46 11.57
C VAL A 88 -13.66 15.20 11.82
N ILE A 89 -12.97 14.70 10.82
CA ILE A 89 -11.53 14.47 10.89
C ILE A 89 -10.88 15.21 9.70
N ALA A 90 -9.99 16.12 10.05
CA ALA A 90 -9.22 16.90 9.06
C ALA A 90 -7.92 16.13 8.62
N GLY A 91 -7.34 16.58 7.50
CA GLY A 91 -6.10 16.01 7.00
C GLY A 91 -6.27 14.73 6.21
N VAL A 92 -7.44 14.53 5.64
CA VAL A 92 -7.69 13.31 4.87
C VAL A 92 -6.58 13.00 3.84
N ASN A 93 -6.14 11.74 3.83
CA ASN A 93 -5.12 11.30 2.88
C ASN A 93 -5.48 9.89 2.45
N ILE A 94 -4.79 9.38 1.44
CA ILE A 94 -5.13 8.03 0.95
C ILE A 94 -4.95 6.93 1.99
N PRO A 95 -3.87 6.93 2.80
CA PRO A 95 -3.73 5.87 3.81
C PRO A 95 -4.96 5.86 4.75
N MET A 96 -5.39 7.05 5.18
CA MET A 96 -6.57 7.13 6.06
C MET A 96 -7.79 6.57 5.33
N LEU A 97 -8.03 7.01 4.10
CA LEU A 97 -9.22 6.56 3.37
C LEU A 97 -9.24 5.05 3.16
N VAL A 98 -8.14 4.48 2.71
CA VAL A 98 -8.04 3.05 2.46
C VAL A 98 -8.23 2.21 3.75
N GLU A 99 -7.52 2.56 4.82
CA GLU A 99 -7.65 1.80 6.06
C GLU A 99 -9.05 1.90 6.63
N THR A 100 -9.62 3.09 6.56
CA THR A 100 -10.95 3.36 7.11
C THR A 100 -12.01 2.59 6.33
N LEU A 101 -11.93 2.63 5.01
CA LEU A 101 -12.89 1.90 4.17
C LEU A 101 -12.74 0.37 4.39
N MET A 102 -11.52 -0.11 4.56
CA MET A 102 -11.32 -1.54 4.78
C MET A 102 -11.92 -1.99 6.12
N ALA A 103 -11.66 -1.23 7.18
CA ALA A 103 -12.15 -1.61 8.50
C ALA A 103 -13.67 -1.53 8.63
N ARG A 104 -14.24 -0.58 7.93
CA ARG A 104 -15.69 -0.32 7.96
C ARG A 104 -16.50 -1.58 7.67
N ASP A 105 -15.99 -2.44 6.83
CA ASP A 105 -16.73 -3.62 6.49
C ASP A 105 -16.79 -4.66 7.61
N ASP A 106 -15.87 -4.58 8.55
CA ASP A 106 -15.84 -5.55 9.64
C ASP A 106 -16.68 -5.05 10.78
N ASP A 107 -17.53 -4.12 10.44
CA ASP A 107 -18.47 -3.50 11.38
C ASP A 107 -17.89 -3.07 12.75
N PRO A 108 -16.89 -2.17 12.76
CA PRO A 108 -16.31 -1.70 14.01
C PRO A 108 -17.27 -0.75 14.71
N SER A 109 -17.01 -0.39 15.95
CA SER A 109 -17.85 0.60 16.63
C SER A 109 -17.42 1.97 16.09
N PHE A 110 -18.26 2.97 16.30
CA PHE A 110 -17.95 4.31 15.84
C PHE A 110 -16.61 4.81 16.43
N ASP A 111 -16.41 4.74 17.73
CA ASP A 111 -15.17 5.20 18.36
C ASP A 111 -13.95 4.48 17.84
N GLU A 112 -14.10 3.20 17.55
CA GLU A 112 -13.02 2.41 17.02
C GLU A 112 -12.64 2.93 15.64
N LEU A 113 -13.63 3.20 14.79
CA LEU A 113 -13.35 3.69 13.42
C LEU A 113 -12.70 5.09 13.47
N VAL A 114 -13.23 5.99 14.28
CA VAL A 114 -12.65 7.32 14.39
C VAL A 114 -11.17 7.21 14.81
N ALA A 115 -10.88 6.42 15.85
CA ALA A 115 -9.49 6.25 16.33
C ALA A 115 -8.57 5.66 15.23
N LEU A 116 -9.06 4.66 14.51
CA LEU A 116 -8.28 4.05 13.43
C LEU A 116 -8.01 5.07 12.32
N ALA A 117 -9.00 5.87 11.96
CA ALA A 117 -8.79 6.86 10.87
C ALA A 117 -7.67 7.88 11.22
N VAL A 118 -7.67 8.39 12.46
CA VAL A 118 -6.64 9.35 12.89
C VAL A 118 -5.28 8.65 12.93
N GLU A 119 -5.23 7.46 13.52
CA GLU A 119 -3.95 6.75 13.64
C GLU A 119 -3.36 6.38 12.27
N THR A 120 -4.16 5.84 11.36
CA THR A 120 -3.63 5.44 10.05
C THR A 120 -3.29 6.65 9.18
N GLY A 121 -4.05 7.74 9.35
CA GLY A 121 -3.78 8.97 8.59
C GLY A 121 -2.40 9.48 8.96
N ARG A 122 -2.11 9.51 10.26
CA ARG A 122 -0.81 10.01 10.75
C ARG A 122 0.33 9.05 10.46
N GLU A 123 0.10 7.77 10.64
CA GLU A 123 1.17 6.82 10.39
C GLU A 123 1.47 6.69 8.91
N GLY A 124 0.52 7.10 8.08
CA GLY A 124 0.70 7.04 6.62
C GLY A 124 1.68 8.10 6.11
N VAL A 125 1.98 9.11 6.92
CA VAL A 125 2.93 10.17 6.50
C VAL A 125 4.32 9.70 6.94
N LYS A 126 5.14 9.39 5.96
CA LYS A 126 6.44 8.81 6.26
C LYS A 126 7.40 9.13 5.11
N ALA A 127 8.64 9.49 5.44
CA ALA A 127 9.67 9.77 4.43
C ALA A 127 10.51 8.52 4.19
N LEU A 128 10.97 8.36 2.96
CA LEU A 128 11.76 7.20 2.59
C LEU A 128 13.13 7.22 3.28
N LYS A 129 13.88 8.27 3.07
CA LYS A 129 15.20 8.41 3.74
C LYS A 129 16.15 7.30 3.28
N THR B 1 13.29 27.70 -6.37
CA THR B 1 12.88 26.95 -5.14
C THR B 1 13.07 25.47 -5.31
N ILE B 2 12.85 24.73 -4.23
CA ILE B 2 12.97 23.28 -4.27
C ILE B 2 11.77 22.79 -5.07
N ALA B 3 12.03 21.85 -5.97
CA ALA B 3 10.99 21.32 -6.82
C ALA B 3 10.12 20.32 -6.06
N ILE B 4 8.83 20.32 -6.37
CA ILE B 4 7.86 19.40 -5.78
C ILE B 4 7.13 18.67 -6.92
N VAL B 5 7.05 17.35 -6.82
CA VAL B 5 6.33 16.55 -7.81
C VAL B 5 5.32 15.73 -7.02
N ILE B 6 4.06 15.76 -7.44
CA ILE B 6 3.02 15.01 -6.74
C ILE B 6 2.59 13.83 -7.59
N GLY B 7 2.50 12.65 -6.99
CA GLY B 7 2.05 11.47 -7.74
C GLY B 7 1.09 10.63 -6.91
N THR B 8 -0.03 10.21 -7.51
CA THR B 8 -1.02 9.42 -6.76
C THR B 8 -1.64 8.42 -7.75
N HIS B 9 -2.28 7.39 -7.22
CA HIS B 9 -2.90 6.39 -8.09
C HIS B 9 -4.05 7.16 -8.75
N GLY B 10 -4.35 6.91 -9.99
CA GLY B 10 -5.47 7.63 -10.57
C GLY B 10 -5.15 9.07 -10.96
N TRP B 11 -6.08 9.95 -10.75
CA TRP B 11 -5.97 11.34 -11.20
C TRP B 11 -6.11 12.38 -10.09
N ALA B 12 -5.79 12.00 -8.86
CA ALA B 12 -5.94 12.93 -7.76
C ALA B 12 -4.83 13.97 -7.62
N ALA B 13 -3.61 13.67 -8.08
CA ALA B 13 -2.49 14.62 -7.90
C ALA B 13 -2.80 16.00 -8.46
N GLU B 14 -3.34 16.06 -9.66
CA GLU B 14 -3.66 17.36 -10.27
C GLU B 14 -4.66 18.14 -9.42
N GLN B 15 -5.65 17.43 -8.86
CA GLN B 15 -6.67 18.09 -8.01
C GLN B 15 -6.11 18.55 -6.63
N LEU B 16 -5.18 17.80 -6.06
CA LEU B 16 -4.60 18.19 -4.78
C LEU B 16 -3.82 19.51 -5.01
N LEU B 17 -3.15 19.60 -6.16
CA LEU B 17 -2.41 20.82 -6.50
C LEU B 17 -3.42 21.97 -6.70
N LYS B 18 -4.53 21.69 -7.41
CA LYS B 18 -5.56 22.72 -7.68
C LYS B 18 -6.14 23.24 -6.40
N THR B 19 -6.35 22.34 -5.46
CA THR B 19 -6.91 22.69 -4.15
C THR B 19 -5.91 23.60 -3.45
N ALA B 20 -4.64 23.22 -3.47
CA ALA B 20 -3.62 24.04 -2.81
C ALA B 20 -3.58 25.46 -3.44
N GLU B 21 -3.64 25.52 -4.76
CA GLU B 21 -3.59 26.80 -5.45
C GLU B 21 -4.85 27.61 -5.18
N MET B 22 -5.94 26.95 -4.81
CA MET B 22 -7.17 27.70 -4.52
C MET B 22 -6.89 28.41 -3.19
N LEU B 23 -6.09 27.79 -2.33
CA LEU B 23 -5.76 28.38 -1.02
C LEU B 23 -4.60 29.38 -1.08
N LEU B 24 -3.61 29.06 -1.88
CA LEU B 24 -2.39 29.87 -1.94
C LEU B 24 -2.14 30.70 -3.22
N GLY B 25 -2.88 30.46 -4.29
CA GLY B 25 -2.62 31.15 -5.55
C GLY B 25 -1.81 30.17 -6.39
N GLU B 26 -1.67 30.42 -7.69
CA GLU B 26 -0.91 29.51 -8.56
C GLU B 26 0.53 29.38 -8.13
N GLN B 27 0.98 28.15 -8.21
CA GLN B 27 2.34 27.78 -7.82
C GLN B 27 3.25 27.51 -8.99
N GLU B 28 4.51 27.84 -8.78
CA GLU B 28 5.56 27.63 -9.75
C GLU B 28 6.42 26.46 -9.26
N ASN B 29 7.13 25.85 -10.19
CA ASN B 29 8.05 24.76 -9.90
C ASN B 29 7.41 23.59 -9.20
N VAL B 30 6.22 23.22 -9.67
CA VAL B 30 5.49 22.05 -9.16
C VAL B 30 5.02 21.21 -10.36
N GLY B 31 5.20 19.89 -10.27
CA GLY B 31 4.78 18.98 -11.36
C GLY B 31 3.90 17.88 -10.78
N TRP B 32 3.24 17.11 -11.62
CA TRP B 32 2.39 16.03 -11.13
C TRP B 32 2.25 14.99 -12.21
N ILE B 33 1.90 13.78 -11.79
CA ILE B 33 1.69 12.67 -12.74
C ILE B 33 0.45 11.88 -12.34
N ASP B 34 -0.10 11.14 -13.29
CA ASP B 34 -1.21 10.25 -12.98
C ASP B 34 -0.76 8.81 -13.18
N PHE B 35 -1.51 7.87 -12.64
CA PHE B 35 -1.18 6.47 -12.78
C PHE B 35 -2.47 5.75 -13.12
N VAL B 36 -2.46 5.17 -14.31
CA VAL B 36 -3.62 4.48 -14.88
C VAL B 36 -3.40 2.97 -14.88
N PRO B 37 -4.47 2.18 -14.67
CA PRO B 37 -4.33 0.71 -14.67
C PRO B 37 -3.73 0.29 -16.00
N GLY B 38 -2.75 -0.60 -15.95
CA GLY B 38 -2.07 -1.04 -17.17
C GLY B 38 -0.64 -0.52 -17.17
N GLU B 39 -0.41 0.59 -16.47
CA GLU B 39 0.93 1.15 -16.41
C GLU B 39 1.74 0.44 -15.29
N ASN B 40 3.06 0.50 -15.41
CA ASN B 40 3.95 -0.11 -14.41
C ASN B 40 4.91 0.96 -13.92
N ALA B 41 5.80 0.60 -13.00
CA ALA B 41 6.74 1.59 -12.43
C ALA B 41 7.63 2.20 -13.49
N GLU B 42 8.00 1.44 -14.50
CA GLU B 42 8.88 1.96 -15.56
C GLU B 42 8.19 3.07 -16.36
N THR B 43 6.90 2.93 -16.58
CA THR B 43 6.12 3.96 -17.26
C THR B 43 6.18 5.19 -16.37
N LEU B 44 5.93 4.99 -15.08
CA LEU B 44 5.90 6.11 -14.16
C LEU B 44 7.25 6.81 -14.05
N ILE B 45 8.35 6.05 -14.10
CA ILE B 45 9.68 6.68 -14.03
C ILE B 45 9.80 7.65 -15.19
N GLU B 46 9.36 7.23 -16.38
CA GLU B 46 9.44 8.13 -17.55
C GLU B 46 8.58 9.36 -17.32
N LYS B 47 7.38 9.16 -16.78
CA LYS B 47 6.51 10.31 -16.54
C LYS B 47 7.15 11.29 -15.55
N TYR B 48 7.75 10.76 -14.49
CA TYR B 48 8.39 11.62 -13.50
C TYR B 48 9.55 12.38 -14.18
N ASN B 49 10.37 11.67 -14.97
CA ASN B 49 11.51 12.31 -15.64
C ASN B 49 11.08 13.41 -16.58
N ALA B 50 9.99 13.21 -17.30
CA ALA B 50 9.51 14.23 -18.22
C ALA B 50 9.06 15.46 -17.43
N GLN B 51 8.50 15.24 -16.25
CA GLN B 51 8.08 16.39 -15.43
C GLN B 51 9.34 17.12 -14.89
N LEU B 52 10.31 16.35 -14.41
CA LEU B 52 11.55 16.93 -13.85
C LEU B 52 12.30 17.78 -14.87
N ALA B 53 12.30 17.36 -16.13
CA ALA B 53 12.98 18.12 -17.19
C ALA B 53 12.50 19.58 -17.25
N LYS B 54 11.27 19.80 -16.81
CA LYS B 54 10.66 21.12 -16.85
C LYS B 54 10.80 21.88 -15.53
N LEU B 55 11.35 21.21 -14.53
CA LEU B 55 11.48 21.84 -13.21
C LEU B 55 12.91 22.26 -12.89
N ASP B 56 13.03 23.21 -11.95
CA ASP B 56 14.34 23.66 -11.48
C ASP B 56 14.60 22.73 -10.32
N THR B 57 15.52 21.81 -10.53
CA THR B 57 15.86 20.80 -9.54
C THR B 57 17.23 21.10 -8.91
N THR B 58 17.73 22.30 -9.10
CA THR B 58 19.05 22.62 -8.55
C THR B 58 19.17 22.55 -7.03
N LYS B 59 18.11 22.92 -6.33
CA LYS B 59 18.11 22.89 -4.85
C LYS B 59 17.56 21.58 -4.31
N GLY B 60 17.02 20.75 -5.18
CA GLY B 60 16.51 19.47 -4.72
C GLY B 60 15.11 19.17 -5.24
N VAL B 61 14.66 17.94 -4.99
CA VAL B 61 13.32 17.49 -5.44
C VAL B 61 12.68 16.67 -4.33
N LEU B 62 11.42 17.04 -4.04
CA LEU B 62 10.61 16.36 -3.05
C LEU B 62 9.40 15.75 -3.79
N PHE B 63 9.33 14.41 -3.79
CA PHE B 63 8.22 13.70 -4.40
C PHE B 63 7.21 13.47 -3.27
N LEU B 64 5.98 13.94 -3.45
CA LEU B 64 4.92 13.77 -2.45
C LEU B 64 3.96 12.78 -3.07
N VAL B 65 3.85 11.61 -2.48
CA VAL B 65 3.00 10.54 -3.06
C VAL B 65 1.87 10.10 -2.11
N ASP B 66 0.90 9.41 -2.67
CA ASP B 66 -0.26 9.00 -1.87
C ASP B 66 -0.01 7.99 -0.73
N THR B 67 0.60 6.84 -1.03
CA THR B 67 0.80 5.82 -0.01
C THR B 67 2.12 5.12 -0.16
N TRP B 68 2.61 4.66 0.98
CA TRP B 68 3.86 3.95 1.03
C TRP B 68 3.69 2.63 0.28
N GLY B 69 4.64 2.28 -0.56
CA GLY B 69 4.56 1.00 -1.26
C GLY B 69 3.76 0.88 -2.56
N GLY B 70 3.03 1.89 -2.97
CA GLY B 70 2.29 1.78 -4.23
C GLY B 70 3.25 2.06 -5.40
N SER B 71 2.75 1.90 -6.62
CA SER B 71 3.59 2.14 -7.80
C SER B 71 4.15 3.57 -7.81
N PRO B 72 3.30 4.60 -7.57
CA PRO B 72 3.84 5.97 -7.57
C PRO B 72 5.03 6.08 -6.61
N PHE B 73 4.92 5.45 -5.44
CA PHE B 73 5.98 5.45 -4.43
C PHE B 73 7.18 4.67 -4.94
N ASN B 74 6.94 3.47 -5.46
CA ASN B 74 8.05 2.63 -5.95
C ASN B 74 8.85 3.27 -7.07
N ALA B 75 8.18 3.89 -8.00
CA ALA B 75 8.89 4.54 -9.09
C ALA B 75 9.71 5.74 -8.58
N ALA B 76 9.13 6.55 -7.70
CA ALA B 76 9.82 7.73 -7.15
C ALA B 76 11.03 7.25 -6.36
N SER B 77 10.88 6.14 -5.66
CA SER B 77 12.00 5.55 -4.86
C SER B 77 13.20 5.20 -5.74
N ARG B 78 12.94 4.71 -6.93
CA ARG B 78 14.02 4.33 -7.84
C ARG B 78 14.78 5.56 -8.35
N ILE B 79 14.11 6.69 -8.46
CA ILE B 79 14.74 7.93 -8.93
C ILE B 79 15.60 8.59 -7.83
N VAL B 80 15.09 8.64 -6.61
CA VAL B 80 15.84 9.33 -5.55
C VAL B 80 16.99 8.57 -4.97
N VAL B 81 17.03 7.25 -5.15
CA VAL B 81 18.06 6.34 -4.57
C VAL B 81 19.48 6.83 -4.28
N ASP B 82 20.21 7.38 -5.24
CA ASP B 82 21.56 7.85 -4.87
C ASP B 82 21.70 9.29 -5.26
N LYS B 83 20.63 10.03 -5.06
CA LYS B 83 20.63 11.42 -5.40
C LYS B 83 20.54 12.25 -4.15
N GLU B 84 21.38 13.27 -4.09
CA GLU B 84 21.43 14.19 -2.96
C GLU B 84 20.29 15.15 -3.14
N HIS B 85 19.66 15.49 -2.03
CA HIS B 85 18.55 16.42 -2.05
C HIS B 85 17.33 15.91 -2.85
N TYR B 86 17.10 14.62 -2.80
CA TYR B 86 15.93 13.98 -3.43
C TYR B 86 15.29 13.14 -2.33
N GLU B 87 13.99 13.31 -2.14
CA GLU B 87 13.30 12.53 -1.12
C GLU B 87 11.88 12.19 -1.57
N VAL B 88 11.34 11.13 -0.99
CA VAL B 88 9.96 10.71 -1.27
C VAL B 88 9.24 10.70 0.10
N ILE B 89 8.09 11.36 0.16
CA ILE B 89 7.27 11.39 1.35
C ILE B 89 5.86 10.89 0.97
N ALA B 90 5.45 9.82 1.62
CA ALA B 90 4.12 9.23 1.43
C ALA B 90 3.05 9.92 2.36
N GLY B 91 1.77 9.71 2.03
CA GLY B 91 0.67 10.24 2.82
C GLY B 91 0.33 11.67 2.56
N VAL B 92 0.66 12.16 1.38
CA VAL B 92 0.38 13.56 1.03
C VAL B 92 -1.07 13.98 1.37
N ASN B 93 -1.20 15.14 2.01
CA ASN B 93 -2.52 15.69 2.35
C ASN B 93 -2.45 17.19 2.17
N ILE B 94 -3.59 17.85 2.23
CA ILE B 94 -3.59 19.29 2.02
C ILE B 94 -2.77 20.07 3.06
N PRO B 95 -2.85 19.73 4.37
CA PRO B 95 -2.02 20.49 5.34
C PRO B 95 -0.52 20.40 4.96
N MET B 96 -0.07 19.21 4.58
CA MET B 96 1.33 19.04 4.18
C MET B 96 1.62 19.91 2.95
N LEU B 97 0.77 19.84 1.94
CA LEU B 97 1.03 20.60 0.69
C LEU B 97 1.06 22.11 0.96
N VAL B 98 0.09 22.64 1.67
CA VAL B 98 0.02 24.06 1.97
C VAL B 98 1.22 24.55 2.80
N GLU B 99 1.55 23.86 3.88
CA GLU B 99 2.67 24.28 4.71
C GLU B 99 3.99 24.22 3.95
N THR B 100 4.15 23.16 3.17
CA THR B 100 5.37 22.94 2.40
C THR B 100 5.54 24.00 1.33
N LEU B 101 4.47 24.28 0.61
CA LEU B 101 4.52 25.31 -0.44
C LEU B 101 4.79 26.71 0.20
N MET B 102 4.22 26.97 1.36
CA MET B 102 4.43 28.27 2.01
C MET B 102 5.89 28.43 2.45
N ALA B 103 6.44 27.41 3.07
CA ALA B 103 7.81 27.49 3.58
C ALA B 103 8.85 27.57 2.48
N ARG B 104 8.57 26.90 1.38
CA ARG B 104 9.47 26.83 0.23
C ARG B 104 9.91 28.21 -0.25
N ASP B 105 9.06 29.18 -0.13
CA ASP B 105 9.41 30.50 -0.60
C ASP B 105 10.43 31.21 0.28
N ASP B 106 10.56 30.77 1.52
CA ASP B 106 11.49 31.43 2.44
C ASP B 106 12.83 30.76 2.34
N ASP B 107 13.00 30.05 1.25
CA ASP B 107 14.23 29.34 0.93
C ASP B 107 14.86 28.51 2.07
N PRO B 108 14.13 27.53 2.61
CA PRO B 108 14.67 26.68 3.68
C PRO B 108 15.68 25.70 3.11
N SER B 109 16.44 25.02 3.96
CA SER B 109 17.36 24.00 3.46
C SER B 109 16.51 22.76 3.12
N PHE B 110 17.07 21.85 2.34
CA PHE B 110 16.36 20.65 1.98
C PHE B 110 15.90 19.85 3.21
N ASP B 111 16.79 19.57 4.15
CA ASP B 111 16.42 18.81 5.36
C ASP B 111 15.34 19.48 6.17
N GLU B 112 15.38 20.80 6.21
CA GLU B 112 14.38 21.57 6.93
C GLU B 112 13.01 21.37 6.27
N LEU B 113 12.96 21.46 4.93
CA LEU B 113 11.68 21.30 4.22
C LEU B 113 11.14 19.86 4.39
N VAL B 114 11.98 18.85 4.23
CA VAL B 114 11.53 17.48 4.40
C VAL B 114 10.93 17.29 5.81
N ALA B 115 11.63 17.76 6.84
CA ALA B 115 11.14 17.63 8.23
C ALA B 115 9.80 18.36 8.44
N LEU B 116 9.68 19.56 7.90
CA LEU B 116 8.44 20.33 8.01
C LEU B 116 7.30 19.59 7.30
N ALA B 117 7.54 19.04 6.13
CA ALA B 117 6.46 18.34 5.40
C ALA B 117 5.89 17.15 6.20
N VAL B 118 6.78 16.34 6.79
CA VAL B 118 6.33 15.18 7.59
C VAL B 118 5.60 15.67 8.84
N GLU B 119 6.16 16.65 9.53
CA GLU B 119 5.53 17.15 10.75
C GLU B 119 4.16 17.78 10.50
N THR B 120 4.03 18.63 9.49
CA THR B 120 2.74 19.28 9.21
C THR B 120 1.72 18.31 8.65
N GLY B 121 2.18 17.31 7.90
CA GLY B 121 1.29 16.29 7.34
C GLY B 121 0.64 15.53 8.49
N ARG B 122 1.44 15.14 9.47
CA ARG B 122 0.94 14.38 10.62
C ARG B 122 0.11 15.23 11.57
N GLU B 123 0.55 16.44 11.82
CA GLU B 123 -0.20 17.29 12.74
C GLU B 123 -1.50 17.74 12.13
N GLY B 124 -1.59 17.68 10.80
CA GLY B 124 -2.81 18.09 10.10
C GLY B 124 -3.96 17.09 10.28
N VAL B 125 -3.65 15.87 10.72
CA VAL B 125 -4.70 14.85 10.93
C VAL B 125 -5.19 15.02 12.37
N LYS B 126 -6.41 15.46 12.50
CA LYS B 126 -6.94 15.79 13.82
C LYS B 126 -8.46 15.65 13.80
N ALA B 127 -9.03 15.07 14.85
CA ALA B 127 -10.50 14.94 14.96
C ALA B 127 -11.05 16.10 15.79
N LEU B 128 -12.26 16.50 15.46
CA LEU B 128 -12.91 17.61 16.13
C LEU B 128 -13.26 17.25 17.59
N LYS B 129 -14.02 16.21 17.76
CA LYS B 129 -14.36 15.75 19.14
C LYS B 129 -15.17 16.81 19.88
N ASN C 1 26.17 -21.30 -4.25
CA ASN C 1 26.28 -21.55 -2.78
C ASN C 1 26.93 -20.34 -2.12
N ASP C 2 27.87 -19.72 -2.79
CA ASP C 2 28.55 -18.54 -2.20
C ASP C 2 27.71 -17.30 -2.52
N TYR C 3 26.43 -17.48 -2.73
CA TYR C 3 25.54 -16.34 -3.04
C TYR C 3 24.49 -16.23 -1.94
N MET C 4 23.28 -15.91 -2.28
CA MET C 4 22.24 -15.76 -1.23
C MET C 4 22.03 -17.09 -0.50
N VAL C 5 21.54 -17.02 0.70
CA VAL C 5 21.27 -18.27 1.47
C VAL C 5 19.77 -18.43 1.66
N ILE C 6 19.20 -19.49 1.13
CA ILE C 6 17.74 -19.71 1.29
C ILE C 6 17.47 -20.13 2.73
N GLY C 7 16.96 -19.24 3.52
CA GLY C 7 16.67 -19.59 4.94
C GLY C 7 15.51 -20.58 4.98
N LEU C 8 14.58 -20.42 4.08
CA LEU C 8 13.43 -21.37 4.07
C LEU C 8 12.55 -21.15 2.85
N ALA C 9 11.96 -22.21 2.35
CA ALA C 9 11.06 -22.11 1.16
C ALA C 9 9.65 -22.54 1.56
N ARG C 10 8.76 -21.59 1.74
CA ARG C 10 7.37 -21.95 2.16
C ARG C 10 6.39 -21.81 1.00
N ILE C 11 5.66 -22.85 0.72
CA ILE C 11 4.67 -22.81 -0.38
C ILE C 11 3.30 -22.47 0.18
N ASP C 12 2.65 -21.50 -0.40
CA ASP C 12 1.30 -21.11 0.11
C ASP C 12 0.59 -20.21 -0.91
N ASP C 13 -0.51 -20.66 -1.45
CA ASP C 13 -1.27 -19.83 -2.43
C ASP C 13 -1.75 -18.55 -1.77
N ARG C 14 -1.65 -18.44 -0.47
CA ARG C 14 -2.13 -17.21 0.22
C ARG C 14 -0.94 -16.30 0.57
N LEU C 15 0.25 -16.74 0.31
CA LEU C 15 1.44 -15.92 0.60
C LEU C 15 1.44 -15.54 2.09
N ILE C 16 1.01 -14.33 2.40
CA ILE C 16 0.97 -13.91 3.83
C ILE C 16 -0.48 -13.92 4.33
N HIS C 17 -0.80 -14.80 5.25
CA HIS C 17 -2.18 -14.84 5.80
C HIS C 17 -2.10 -15.13 7.29
N GLY C 18 -2.61 -14.24 8.10
CA GLY C 18 -2.56 -14.44 9.58
C GLY C 18 -1.18 -14.06 10.10
N GLN C 19 -0.71 -14.82 11.05
CA GLN C 19 0.63 -14.59 11.65
C GLN C 19 1.53 -15.74 11.27
N VAL C 20 1.05 -16.63 10.46
CA VAL C 20 1.99 -17.64 9.92
C VAL C 20 3.26 -16.92 9.41
N ALA C 21 3.10 -15.83 8.74
CA ALA C 21 4.29 -15.08 8.22
C ALA C 21 5.02 -14.38 9.39
N THR C 22 4.27 -13.89 10.33
CA THR C 22 4.91 -13.20 11.49
C THR C 22 5.71 -14.21 12.32
N ARG C 23 5.07 -15.26 12.74
CA ARG C 23 5.78 -16.29 13.58
C ARG C 23 6.91 -16.95 12.77
N TRP C 24 6.65 -17.30 11.56
CA TRP C 24 7.71 -17.96 10.75
C TRP C 24 8.86 -16.98 10.51
N THR C 25 8.57 -15.71 10.40
CA THR C 25 9.65 -14.71 10.19
C THR C 25 10.58 -14.67 11.40
N LYS C 26 10.01 -14.60 12.58
CA LYS C 26 10.87 -14.53 13.82
C LYS C 26 11.57 -15.87 14.05
N GLU C 27 10.88 -16.96 13.88
CA GLU C 27 11.53 -18.28 14.12
C GLU C 27 12.59 -18.53 13.04
N THR C 28 12.31 -18.18 11.83
CA THR C 28 13.28 -18.39 10.73
C THR C 28 14.32 -17.29 10.74
N ASN C 29 14.20 -16.34 11.62
CA ASN C 29 15.20 -15.24 11.67
C ASN C 29 15.33 -14.64 10.26
N VAL C 30 14.22 -14.34 9.63
CA VAL C 30 14.27 -13.78 8.25
C VAL C 30 13.97 -12.28 8.29
N SER C 31 14.77 -11.52 7.59
CA SER C 31 14.55 -10.04 7.54
C SER C 31 14.08 -9.66 6.14
N ARG C 32 14.06 -10.60 5.23
CA ARG C 32 13.61 -10.32 3.85
C ARG C 32 12.69 -11.44 3.35
N ILE C 33 11.69 -11.07 2.60
CA ILE C 33 10.77 -12.08 2.03
C ILE C 33 10.58 -11.77 0.55
N ILE C 34 10.77 -12.73 -0.32
CA ILE C 34 10.59 -12.48 -1.78
C ILE C 34 9.44 -13.33 -2.30
N VAL C 35 8.50 -12.72 -2.99
CA VAL C 35 7.35 -13.49 -3.53
C VAL C 35 7.61 -13.77 -5.00
N VAL C 36 7.49 -15.02 -5.39
CA VAL C 36 7.72 -15.38 -6.82
C VAL C 36 6.41 -15.82 -7.46
N SER C 37 5.82 -14.98 -8.25
CA SER C 37 4.54 -15.36 -8.90
C SER C 37 4.22 -14.36 -9.99
N ASP C 38 3.99 -14.84 -11.19
CA ASP C 38 3.66 -13.92 -12.32
C ASP C 38 2.24 -13.39 -12.15
N GLU C 39 1.35 -14.20 -11.64
CA GLU C 39 -0.06 -13.74 -11.47
C GLU C 39 -0.12 -12.60 -10.45
N VAL C 40 0.55 -12.74 -9.34
CA VAL C 40 0.55 -11.65 -8.33
C VAL C 40 1.34 -10.47 -8.87
N ALA C 41 2.47 -10.74 -9.46
CA ALA C 41 3.30 -9.62 -10.00
C ALA C 41 2.47 -8.80 -10.98
N ALA C 42 1.48 -9.39 -11.59
CA ALA C 42 0.64 -8.63 -12.55
C ALA C 42 -0.47 -7.89 -11.80
N ASP C 43 -0.59 -8.10 -10.51
CA ASP C 43 -1.66 -7.40 -9.73
C ASP C 43 -1.03 -6.25 -8.94
N THR C 44 -1.06 -5.07 -9.47
CA THR C 44 -0.47 -3.90 -8.76
C THR C 44 -1.24 -3.60 -7.48
N VAL C 45 -2.54 -3.81 -7.47
CA VAL C 45 -3.32 -3.53 -6.24
C VAL C 45 -2.91 -4.49 -5.13
N ARG C 46 -2.81 -5.76 -5.43
CA ARG C 46 -2.43 -6.73 -4.39
C ARG C 46 -1.01 -6.44 -3.91
N LYS C 47 -0.12 -6.14 -4.82
CA LYS C 47 1.28 -5.85 -4.41
C LYS C 47 1.29 -4.69 -3.43
N THR C 48 0.53 -3.69 -3.68
CA THR C 48 0.51 -2.54 -2.74
C THR C 48 0.05 -3.01 -1.37
N LEU C 49 -1.02 -3.74 -1.30
CA LEU C 49 -1.50 -4.18 0.03
C LEU C 49 -0.47 -5.08 0.71
N LEU C 50 0.11 -6.00 0.01
CA LEU C 50 1.13 -6.89 0.67
C LEU C 50 2.32 -6.06 1.14
N THR C 51 2.75 -5.13 0.35
CA THR C 51 3.90 -4.28 0.73
C THR C 51 3.54 -3.38 1.92
N GLN C 52 2.31 -2.95 2.03
CA GLN C 52 1.93 -2.06 3.17
C GLN C 52 1.70 -2.88 4.44
N VAL C 53 1.50 -4.16 4.33
CA VAL C 53 1.30 -4.99 5.56
C VAL C 53 2.55 -5.82 5.79
N ALA C 54 3.64 -5.46 5.16
CA ALA C 54 4.90 -6.22 5.37
C ALA C 54 5.30 -6.07 6.84
N PRO C 55 5.46 -7.15 7.57
CA PRO C 55 5.82 -7.09 9.02
C PRO C 55 6.94 -6.06 9.30
N PRO C 56 6.87 -5.39 10.45
CA PRO C 56 7.90 -4.38 10.83
C PRO C 56 9.31 -4.96 10.83
N GLY C 57 10.26 -4.25 10.28
CA GLY C 57 11.66 -4.75 10.26
C GLY C 57 11.84 -5.79 9.16
N VAL C 58 10.77 -6.21 8.54
CA VAL C 58 10.87 -7.21 7.45
C VAL C 58 10.46 -6.58 6.13
N THR C 59 11.17 -6.84 5.08
CA THR C 59 10.83 -6.25 3.76
C THR C 59 10.20 -7.32 2.86
N ALA C 60 9.14 -6.99 2.18
CA ALA C 60 8.48 -7.96 1.28
C ALA C 60 8.72 -7.52 -0.16
N HIS C 61 9.14 -8.42 -1.01
CA HIS C 61 9.41 -8.06 -2.44
C HIS C 61 8.55 -8.91 -3.36
N VAL C 62 8.25 -8.39 -4.52
CA VAL C 62 7.42 -9.15 -5.49
C VAL C 62 8.17 -9.23 -6.82
N VAL C 63 8.48 -10.42 -7.25
CA VAL C 63 9.22 -10.58 -8.52
C VAL C 63 8.68 -11.80 -9.28
N ASP C 64 9.01 -11.91 -10.53
CA ASP C 64 8.53 -13.07 -11.33
C ASP C 64 9.61 -14.17 -11.32
N VAL C 65 9.27 -15.35 -11.75
CA VAL C 65 10.28 -16.47 -11.74
C VAL C 65 11.51 -16.08 -12.54
N ALA C 66 11.34 -15.52 -13.71
CA ALA C 66 12.53 -15.13 -14.51
C ALA C 66 13.34 -14.06 -13.75
N LYS C 67 12.68 -13.10 -13.20
CA LYS C 67 13.41 -12.03 -12.46
C LYS C 67 14.02 -12.62 -11.19
N MET C 68 13.37 -13.55 -10.56
CA MET C 68 13.92 -14.14 -9.31
C MET C 68 15.26 -14.83 -9.57
N ILE C 69 15.37 -15.53 -10.66
CA ILE C 69 16.65 -16.25 -10.95
C ILE C 69 17.78 -15.23 -11.07
N ARG C 70 17.47 -14.07 -11.57
CA ARG C 70 18.51 -13.01 -11.72
C ARG C 70 18.84 -12.38 -10.37
N VAL C 71 17.87 -12.18 -9.53
CA VAL C 71 18.16 -11.58 -8.21
C VAL C 71 19.09 -12.53 -7.45
N TYR C 72 18.84 -13.80 -7.54
CA TYR C 72 19.72 -14.80 -6.85
C TYR C 72 21.10 -14.81 -7.51
N ASN C 73 21.16 -14.57 -8.80
CA ASN C 73 22.47 -14.57 -9.51
C ASN C 73 23.29 -13.35 -9.13
N ASN C 74 22.82 -12.57 -8.19
CA ASN C 74 23.59 -11.35 -7.77
C ASN C 74 24.15 -11.56 -6.34
N PRO C 75 25.46 -11.56 -6.18
CA PRO C 75 26.08 -11.76 -4.85
C PRO C 75 25.75 -10.62 -3.89
N LYS C 76 24.99 -9.67 -4.32
CA LYS C 76 24.63 -8.53 -3.43
C LYS C 76 23.89 -9.07 -2.21
N TYR C 77 23.27 -10.21 -2.36
CA TYR C 77 22.53 -10.79 -1.21
C TYR C 77 23.34 -11.97 -0.65
N ALA C 78 24.59 -12.09 -1.00
CA ALA C 78 25.38 -13.23 -0.48
C ALA C 78 25.30 -13.27 1.04
N GLY C 79 25.10 -14.42 1.59
CA GLY C 79 25.02 -14.55 3.07
C GLY C 79 23.63 -14.09 3.53
N GLU C 80 23.04 -13.13 2.86
CA GLU C 80 21.69 -12.67 3.30
C GLU C 80 20.74 -13.87 3.38
N ARG C 81 19.93 -13.90 4.40
CA ARG C 81 18.96 -15.02 4.53
C ARG C 81 17.61 -14.54 4.03
N VAL C 82 17.13 -15.14 2.98
CA VAL C 82 15.82 -14.71 2.41
C VAL C 82 14.84 -15.88 2.39
N MET C 83 13.59 -15.58 2.53
CA MET C 83 12.55 -16.64 2.51
C MET C 83 11.87 -16.62 1.15
N LEU C 84 11.68 -17.76 0.57
CA LEU C 84 11.04 -17.81 -0.76
C LEU C 84 9.58 -18.22 -0.63
N LEU C 85 8.71 -17.43 -1.18
CA LEU C 85 7.25 -17.77 -1.12
C LEU C 85 6.78 -18.20 -2.49
N PHE C 86 6.18 -19.34 -2.56
CA PHE C 86 5.69 -19.87 -3.86
C PHE C 86 4.23 -20.24 -3.73
N THR C 87 3.55 -20.37 -4.83
CA THR C 87 2.11 -20.73 -4.81
C THR C 87 1.94 -22.15 -5.33
N ASN C 88 2.93 -22.63 -6.04
CA ASN C 88 2.84 -24.02 -6.58
C ASN C 88 4.25 -24.62 -6.71
N PRO C 89 4.40 -25.89 -6.42
CA PRO C 89 5.72 -26.58 -6.50
C PRO C 89 6.30 -26.57 -7.92
N THR C 90 5.48 -26.23 -8.89
CA THR C 90 5.98 -26.17 -10.29
C THR C 90 7.02 -25.04 -10.39
N ASP C 91 6.73 -23.93 -9.77
CA ASP C 91 7.66 -22.78 -9.81
C ASP C 91 8.94 -23.12 -9.05
N VAL C 92 8.88 -24.05 -8.14
CA VAL C 92 10.12 -24.42 -7.40
C VAL C 92 11.03 -25.25 -8.29
N GLU C 93 10.48 -26.17 -9.02
CA GLU C 93 11.33 -27.01 -9.92
C GLU C 93 11.97 -26.09 -10.95
N ARG C 94 11.26 -25.08 -11.37
CA ARG C 94 11.83 -24.14 -12.38
C ARG C 94 13.06 -23.44 -11.80
N LEU C 95 12.99 -22.99 -10.58
CA LEU C 95 14.18 -22.32 -10.01
C LEU C 95 15.32 -23.32 -9.93
N VAL C 96 15.03 -24.53 -9.55
CA VAL C 96 16.12 -25.54 -9.46
C VAL C 96 16.73 -25.72 -10.84
N GLU C 97 15.93 -25.82 -11.86
CA GLU C 97 16.47 -26.02 -13.22
C GLU C 97 17.37 -24.84 -13.60
N GLY C 98 17.09 -23.67 -13.10
CA GLY C 98 17.94 -22.49 -13.45
C GLY C 98 19.27 -22.59 -12.70
N GLY C 99 19.46 -23.65 -11.96
CA GLY C 99 20.73 -23.81 -11.20
C GLY C 99 20.54 -23.28 -9.77
N VAL C 100 19.32 -23.10 -9.34
CA VAL C 100 19.07 -22.64 -7.93
C VAL C 100 19.25 -23.86 -7.03
N LYS C 101 19.86 -23.68 -5.91
CA LYS C 101 20.10 -24.83 -5.00
C LYS C 101 19.05 -24.88 -3.88
N ILE C 102 18.35 -25.98 -3.75
CA ILE C 102 17.32 -26.09 -2.68
C ILE C 102 17.54 -27.40 -1.92
N THR C 103 17.69 -27.36 -0.61
CA THR C 103 17.93 -28.61 0.16
C THR C 103 16.59 -29.23 0.58
N SER C 104 15.59 -28.41 0.82
CA SER C 104 14.28 -28.96 1.26
C SER C 104 13.18 -27.96 0.98
N VAL C 105 11.99 -28.45 0.80
CA VAL C 105 10.83 -27.55 0.51
C VAL C 105 9.77 -27.79 1.56
N ASN C 106 9.21 -26.73 2.09
CA ASN C 106 8.18 -26.89 3.14
C ASN C 106 6.81 -26.50 2.58
N VAL C 107 5.84 -27.37 2.75
CA VAL C 107 4.47 -27.07 2.25
C VAL C 107 3.66 -26.37 3.34
N GLY C 108 3.41 -25.11 3.17
CA GLY C 108 2.64 -24.34 4.20
C GLY C 108 1.14 -24.59 4.02
N GLY C 109 0.62 -24.38 2.85
CA GLY C 109 -0.84 -24.61 2.65
C GLY C 109 -1.23 -24.48 1.17
N MET C 110 -2.28 -25.16 0.79
CA MET C 110 -2.72 -25.08 -0.63
C MET C 110 -4.26 -25.10 -0.71
N ALA C 111 -4.84 -24.06 -1.22
CA ALA C 111 -6.32 -23.99 -1.32
C ALA C 111 -6.84 -25.25 -2.01
N PHE C 112 -7.79 -25.92 -1.41
CA PHE C 112 -8.34 -27.15 -2.03
C PHE C 112 -9.14 -26.79 -3.28
N ARG C 113 -9.37 -27.75 -4.14
CA ARG C 113 -10.15 -27.44 -5.36
C ARG C 113 -10.71 -28.73 -5.96
N GLN C 114 -11.75 -28.65 -6.76
CA GLN C 114 -12.35 -29.87 -7.37
C GLN C 114 -11.38 -30.51 -8.34
N GLY C 115 -11.29 -31.82 -8.31
CA GLY C 115 -10.37 -32.53 -9.23
C GLY C 115 -9.06 -32.80 -8.50
N LYS C 116 -8.87 -32.17 -7.37
CA LYS C 116 -7.62 -32.38 -6.60
C LYS C 116 -7.89 -33.33 -5.44
N THR C 117 -6.85 -33.89 -4.86
CA THR C 117 -7.04 -34.82 -3.72
C THR C 117 -6.52 -34.14 -2.45
N GLN C 118 -7.27 -34.24 -1.38
CA GLN C 118 -6.82 -33.59 -0.11
C GLN C 118 -5.80 -34.48 0.60
N VAL C 119 -4.63 -33.98 0.80
CA VAL C 119 -3.57 -34.79 1.50
C VAL C 119 -3.50 -34.36 2.96
N ASN C 120 -3.82 -33.13 3.23
CA ASN C 120 -3.75 -32.64 4.65
C ASN C 120 -5.00 -31.83 4.97
N ASN C 121 -5.04 -31.29 6.14
CA ASN C 121 -6.22 -30.48 6.57
C ASN C 121 -6.46 -29.32 5.60
N ALA C 122 -5.45 -28.80 4.97
CA ALA C 122 -5.65 -27.68 4.02
C ALA C 122 -4.63 -27.76 2.89
N VAL C 123 -4.16 -28.94 2.61
CA VAL C 123 -3.17 -29.09 1.50
C VAL C 123 -3.73 -30.00 0.41
N SER C 124 -3.82 -29.48 -0.78
CA SER C 124 -4.37 -30.28 -1.92
C SER C 124 -3.31 -30.44 -3.00
N VAL C 125 -3.34 -31.54 -3.69
CA VAL C 125 -2.34 -31.77 -4.77
C VAL C 125 -3.03 -32.32 -6.02
N ASP C 126 -2.56 -31.89 -7.14
CA ASP C 126 -3.12 -32.38 -8.42
C ASP C 126 -2.05 -33.24 -9.08
N GLU C 127 -2.37 -33.93 -10.14
CA GLU C 127 -1.36 -34.78 -10.77
C GLU C 127 -0.12 -33.95 -11.13
N LYS C 128 -0.29 -32.67 -11.30
CA LYS C 128 0.86 -31.80 -11.65
C LYS C 128 1.67 -31.48 -10.38
N ASP C 129 1.01 -31.18 -9.30
CA ASP C 129 1.75 -30.86 -8.05
C ASP C 129 2.50 -32.11 -7.59
N ILE C 130 1.87 -33.24 -7.67
CA ILE C 130 2.54 -34.49 -7.24
C ILE C 130 3.76 -34.75 -8.11
N GLU C 131 3.62 -34.60 -9.40
CA GLU C 131 4.77 -34.86 -10.31
C GLU C 131 5.97 -33.96 -9.95
N ALA C 132 5.71 -32.74 -9.58
CA ALA C 132 6.84 -31.83 -9.21
C ALA C 132 7.48 -32.31 -7.91
N PHE C 133 6.68 -32.73 -6.96
CA PHE C 133 7.26 -33.20 -5.67
C PHE C 133 8.11 -34.44 -5.91
N LYS C 134 7.68 -35.32 -6.77
CA LYS C 134 8.48 -36.55 -7.02
C LYS C 134 9.82 -36.19 -7.64
N LYS C 135 9.86 -35.23 -8.51
CA LYS C 135 11.16 -34.86 -9.14
C LYS C 135 12.08 -34.26 -8.06
N LEU C 136 11.55 -33.44 -7.19
CA LEU C 136 12.41 -32.85 -6.14
C LEU C 136 12.97 -33.97 -5.26
N ASN C 137 12.14 -34.91 -4.91
CA ASN C 137 12.62 -36.04 -4.06
C ASN C 137 13.66 -36.85 -4.83
N ALA C 138 13.46 -37.06 -6.09
CA ALA C 138 14.46 -37.85 -6.86
C ALA C 138 15.80 -37.13 -6.85
N ARG C 139 15.79 -35.84 -6.61
CA ARG C 139 17.09 -35.10 -6.60
C ARG C 139 17.69 -35.10 -5.19
N GLY C 140 17.12 -35.86 -4.28
CA GLY C 140 17.67 -35.89 -2.89
C GLY C 140 17.14 -34.69 -2.10
N ILE C 141 16.17 -33.99 -2.62
CA ILE C 141 15.61 -32.83 -1.87
C ILE C 141 14.57 -33.31 -0.88
N GLU C 142 14.62 -32.83 0.33
CA GLU C 142 13.62 -33.28 1.34
C GLU C 142 12.31 -32.52 1.19
N LEU C 143 11.20 -33.20 1.36
CA LEU C 143 9.87 -32.54 1.25
C LEU C 143 9.09 -32.74 2.54
N GLU C 144 8.87 -31.67 3.29
CA GLU C 144 8.13 -31.79 4.58
C GLU C 144 6.81 -31.02 4.51
N VAL C 145 5.77 -31.58 5.06
CA VAL C 145 4.45 -30.89 5.04
C VAL C 145 4.08 -30.48 6.47
N ARG C 146 3.81 -29.22 6.66
CA ARG C 146 3.44 -28.74 8.02
C ARG C 146 2.83 -27.35 7.96
N LYS C 147 1.79 -27.13 8.71
CA LYS C 147 1.13 -25.78 8.70
C LYS C 147 1.92 -24.82 9.61
N VAL C 148 2.28 -25.25 10.79
CA VAL C 148 3.07 -24.36 11.71
C VAL C 148 4.29 -25.13 12.20
N SER C 149 5.35 -24.44 12.57
CA SER C 149 6.56 -25.14 13.05
C SER C 149 6.25 -25.89 14.35
N THR C 150 5.16 -25.54 14.99
CA THR C 150 4.81 -26.23 16.26
C THR C 150 4.04 -27.52 15.99
N ASP C 151 3.64 -27.73 14.76
CA ASP C 151 2.87 -28.96 14.43
C ASP C 151 3.83 -30.08 13.98
N PRO C 152 3.47 -31.32 14.18
CA PRO C 152 4.34 -32.47 13.78
C PRO C 152 4.71 -32.41 12.29
N LYS C 153 5.94 -32.72 11.95
CA LYS C 153 6.35 -32.66 10.52
C LYS C 153 5.97 -33.96 9.81
N LEU C 154 5.36 -33.88 8.66
CA LEU C 154 5.00 -35.12 7.91
C LEU C 154 5.77 -35.13 6.58
N LYS C 155 6.00 -36.28 6.02
CA LYS C 155 6.75 -36.33 4.74
C LYS C 155 5.77 -36.28 3.57
N MET C 156 6.04 -35.42 2.63
CA MET C 156 5.14 -35.28 1.46
C MET C 156 4.99 -36.64 0.76
N MET C 157 6.07 -37.33 0.59
CA MET C 157 6.00 -38.64 -0.09
C MET C 157 5.11 -39.60 0.70
N ASP C 158 5.22 -39.58 2.00
CA ASP C 158 4.39 -40.50 2.83
C ASP C 158 2.91 -40.20 2.62
N LEU C 159 2.54 -38.95 2.60
CA LEU C 159 1.11 -38.60 2.39
C LEU C 159 0.68 -38.98 0.98
N ILE C 160 1.50 -38.73 0.01
CA ILE C 160 1.13 -39.09 -1.39
C ILE C 160 1.28 -40.60 -1.61
N SER C 161 2.11 -41.25 -0.83
CA SER C 161 2.30 -42.72 -0.99
C SER C 161 1.06 -43.44 -0.47
N LYS C 162 0.41 -42.91 0.51
CA LYS C 162 -0.79 -43.60 1.04
C LYS C 162 -2.01 -43.24 0.18
N ILE C 163 -1.81 -42.38 -0.78
CA ILE C 163 -2.92 -42.01 -1.70
C ILE C 163 -2.59 -42.52 -3.08
N ASP C 164 -1.48 -42.08 -3.62
CA ASP C 164 -1.04 -42.55 -4.95
C ASP C 164 -0.09 -43.70 -4.71
N LYS C 165 -0.63 -44.86 -4.54
CA LYS C 165 0.23 -46.00 -4.24
C LYS C 165 1.24 -45.61 -3.15
#